data_2FCK
#
_entry.id   2FCK
#
_cell.length_a   53.051
_cell.length_b   103.065
_cell.length_c   37.861
_cell.angle_alpha   90.00
_cell.angle_beta   90.00
_cell.angle_gamma   90.00
#
_symmetry.space_group_name_H-M   'P 21 21 2'
#
loop_
_entity.id
_entity.type
_entity.pdbx_description
1 polymer 'ribosomal-protein-serine acetyltransferase, putative'
2 non-polymer 'NITRATE ION'
3 non-polymer GLYCEROL
4 water water
#
_entity_poly.entity_id   1
_entity_poly.type   'polypeptide(L)'
_entity_poly.pdbx_seq_one_letter_code
;SNA(MSE)TPDFQIVTQRLQLRLITADEAEELVQCIRQSQTLHQWVDWCHALFSQQEAEQFIQATRLNWVKAEAYGFGVF
ERQTQTLVG(MSE)VAINEFYHTFN(MSE)ASLGYWIGDRYQRQGYGKEALTALILFCFERLELTRLEIVCDPENVPSQA
LALRCGANREQLAPNRFLYAGEPKAGIVFSLIP
;
_entity_poly.pdbx_strand_id   A
#
# COMPACT_ATOMS: atom_id res chain seq x y z
N THR A 5 17.75 3.32 -2.20
CA THR A 5 18.57 2.40 -1.48
C THR A 5 17.63 1.88 -0.41
N PRO A 6 18.00 0.79 0.24
CA PRO A 6 17.14 0.34 1.33
C PRO A 6 16.91 1.40 2.43
N ASP A 7 17.69 2.48 2.40
CA ASP A 7 17.58 3.51 3.42
C ASP A 7 16.61 4.63 3.05
N PHE A 8 16.09 4.56 1.83
CA PHE A 8 15.23 5.62 1.31
C PHE A 8 13.93 5.69 2.06
N GLN A 9 13.56 6.89 2.51
CA GLN A 9 12.31 7.11 3.25
C GLN A 9 11.52 8.26 2.61
N ILE A 10 10.20 8.18 2.72
CA ILE A 10 9.38 9.34 2.46
C ILE A 10 8.82 9.75 3.82
N VAL A 11 9.07 10.99 4.23
CA VAL A 11 8.69 11.46 5.57
C VAL A 11 7.73 12.62 5.46
N THR A 12 6.64 12.55 6.18
CA THR A 12 5.61 13.58 6.13
C THR A 12 5.57 14.24 7.52
N GLN A 13 4.57 15.06 7.80
CA GLN A 13 4.51 15.70 9.12
C GLN A 13 4.46 14.67 10.27
N ARG A 14 3.60 13.66 10.08
CA ARG A 14 3.35 12.70 11.17
C ARG A 14 3.89 11.27 10.94
N LEU A 15 4.31 10.99 9.71
CA LEU A 15 4.57 9.59 9.26
C LEU A 15 5.92 9.41 8.58
N GLN A 16 6.42 8.18 8.68
CA GLN A 16 7.68 7.80 8.07
C GLN A 16 7.39 6.57 7.24
N LEU A 17 7.61 6.68 5.94
CA LEU A 17 7.34 5.59 5.00
C LEU A 17 8.71 4.98 4.68
N ARG A 18 8.89 3.68 4.93
CA ARG A 18 10.20 3.04 4.75
C ARG A 18 10.07 1.52 4.72
N LEU A 19 11.16 0.84 4.37
CA LEU A 19 11.18 -0.60 4.44
C LEU A 19 10.94 -1.03 5.86
N ILE A 20 10.04 -1.99 6.03
CA ILE A 20 9.95 -2.72 7.30
C ILE A 20 11.17 -3.66 7.41
N THR A 21 11.85 -3.67 8.57
CA THR A 21 13.03 -4.51 8.73
C THR A 21 12.71 -5.87 9.35
N ALA A 22 13.65 -6.81 9.22
CA ALA A 22 13.54 -8.15 9.78
C ALA A 22 13.24 -8.10 11.28
N ASP A 23 13.87 -7.17 11.98
CA ASP A 23 13.62 -7.05 13.40
C ASP A 23 12.22 -6.54 13.78
N GLU A 24 11.37 -6.26 12.80
CA GLU A 24 10.05 -5.64 13.05
C GLU A 24 8.87 -6.59 12.77
N ALA A 25 9.16 -7.87 12.75
CA ALA A 25 8.14 -8.88 12.50
C ALA A 25 7.02 -8.83 13.54
N GLU A 26 7.41 -8.68 14.81
CA GLU A 26 6.49 -8.52 15.91
C GLU A 26 5.52 -7.35 15.70
N GLU A 27 6.06 -6.21 15.24
N GLU A 27 6.04 -6.21 15.24
CA GLU A 27 5.30 -5.01 14.95
CA GLU A 27 5.24 -5.03 14.96
C GLU A 27 4.28 -5.23 13.82
C GLU A 27 4.25 -5.28 13.83
N LEU A 28 4.67 -6.02 12.82
CA LEU A 28 3.77 -6.33 11.70
C LEU A 28 2.65 -7.28 12.17
N VAL A 29 3.01 -8.26 12.99
CA VAL A 29 2.03 -9.16 13.59
C VAL A 29 1.00 -8.38 14.44
N GLN A 30 1.46 -7.50 15.32
CA GLN A 30 0.57 -6.61 16.10
C GLN A 30 -0.38 -5.84 15.18
N CYS A 31 0.13 -5.32 14.07
N CYS A 31 0.12 -5.30 14.07
CA CYS A 31 -0.69 -4.48 13.21
CA CYS A 31 -0.72 -4.53 13.15
C CYS A 31 -1.88 -5.25 12.64
C CYS A 31 -1.93 -5.32 12.76
N ILE A 32 -1.66 -6.52 12.29
CA ILE A 32 -2.73 -7.36 11.77
C ILE A 32 -3.61 -7.85 12.90
N ARG A 33 -2.98 -8.27 14.01
CA ARG A 33 -3.73 -8.88 15.08
C ARG A 33 -4.70 -7.88 15.66
N GLN A 34 -4.35 -6.59 15.61
CA GLN A 34 -5.18 -5.58 16.27
C GLN A 34 -6.36 -5.17 15.38
N SER A 35 -6.31 -5.53 14.11
CA SER A 35 -7.35 -5.09 13.18
C SER A 35 -8.52 -6.07 13.07
N GLN A 36 -9.74 -5.57 13.23
CA GLN A 36 -10.94 -6.39 13.07
C GLN A 36 -11.05 -6.99 11.66
N THR A 37 -10.53 -6.26 10.67
CA THR A 37 -10.81 -6.57 9.25
C THR A 37 -9.63 -6.80 8.32
N LEU A 38 -8.42 -6.32 8.66
CA LEU A 38 -7.29 -6.47 7.73
C LEU A 38 -7.03 -7.91 7.29
N HIS A 39 -7.20 -8.88 8.19
CA HIS A 39 -6.88 -10.26 7.90
C HIS A 39 -7.59 -10.76 6.63
N GLN A 40 -8.72 -10.17 6.28
CA GLN A 40 -9.47 -10.71 5.18
C GLN A 40 -9.02 -10.18 3.84
N TRP A 41 -8.26 -9.08 3.85
CA TRP A 41 -7.83 -8.40 2.65
C TRP A 41 -6.36 -8.64 2.34
N VAL A 42 -5.51 -8.74 3.35
CA VAL A 42 -4.09 -8.94 3.10
C VAL A 42 -3.90 -10.43 2.79
N ASP A 43 -3.05 -10.73 1.81
CA ASP A 43 -2.95 -12.10 1.22
C ASP A 43 -2.36 -13.17 2.15
N TRP A 44 -1.17 -12.87 2.66
CA TRP A 44 -0.35 -13.71 3.53
C TRP A 44 -0.89 -13.99 4.93
N PHE A 49 -1.80 -16.44 11.72
CA PHE A 49 -0.76 -15.59 11.14
C PHE A 49 0.46 -15.51 12.03
N SER A 50 1.53 -16.17 11.59
CA SER A 50 2.71 -16.38 12.42
C SER A 50 3.70 -15.23 12.30
N GLN A 51 4.48 -14.99 13.37
CA GLN A 51 5.65 -14.13 13.26
C GLN A 51 6.63 -14.62 12.18
N GLN A 52 6.73 -15.94 11.99
CA GLN A 52 7.53 -16.48 10.90
C GLN A 52 6.97 -16.15 9.52
N GLU A 53 5.64 -16.14 9.42
CA GLU A 53 4.96 -15.63 8.23
C GLU A 53 5.23 -14.13 8.03
N ALA A 54 5.22 -13.37 9.13
CA ALA A 54 5.57 -11.94 9.10
C ALA A 54 7.03 -11.76 8.58
N GLU A 55 7.95 -12.49 9.18
CA GLU A 55 9.35 -12.48 8.75
C GLU A 55 9.46 -12.77 7.24
N GLN A 56 8.78 -13.82 6.76
CA GLN A 56 8.85 -14.19 5.34
C GLN A 56 8.37 -13.08 4.38
N PHE A 57 7.27 -12.47 4.78
CA PHE A 57 6.71 -11.34 4.04
C PHE A 57 7.66 -10.14 4.01
N ILE A 58 8.24 -9.81 5.15
CA ILE A 58 9.23 -8.73 5.23
C ILE A 58 10.42 -9.00 4.28
N GLN A 59 10.96 -10.22 4.33
CA GLN A 59 12.14 -10.58 3.47
C GLN A 59 11.80 -10.46 1.95
N ALA A 60 10.60 -10.89 1.58
CA ALA A 60 10.10 -10.79 0.21
C ALA A 60 9.94 -9.34 -0.30
N THR A 61 9.43 -8.49 0.58
CA THR A 61 9.24 -7.12 0.23
C THR A 61 10.58 -6.39 0.03
N ARG A 62 11.54 -6.73 0.87
CA ARG A 62 12.86 -6.15 0.72
C ARG A 62 13.49 -6.52 -0.62
N LEU A 63 13.32 -7.78 -1.01
CA LEU A 63 13.92 -8.30 -2.22
C LEU A 63 13.38 -7.43 -3.37
N ASN A 64 12.04 -7.23 -3.42
CA ASN A 64 11.43 -6.47 -4.50
C ASN A 64 11.97 -5.04 -4.55
N TRP A 65 12.14 -4.44 -3.38
CA TRP A 65 12.66 -3.06 -3.30
C TRP A 65 14.10 -2.98 -3.89
N VAL A 66 14.98 -3.85 -3.43
CA VAL A 66 16.39 -3.81 -3.88
C VAL A 66 16.48 -4.16 -5.39
N LYS A 67 15.51 -4.95 -5.85
CA LYS A 67 15.48 -5.34 -7.29
C LYS A 67 14.77 -4.23 -8.10
N ALA A 68 14.25 -3.21 -7.42
CA ALA A 68 13.49 -2.10 -8.03
C ALA A 68 12.19 -2.51 -8.75
N GLU A 69 11.62 -3.64 -8.32
CA GLU A 69 10.38 -4.17 -8.93
C GLU A 69 9.12 -3.64 -8.25
N ALA A 70 9.24 -3.30 -6.97
CA ALA A 70 8.09 -2.89 -6.18
C ALA A 70 8.63 -2.21 -4.95
N TYR A 71 7.88 -1.30 -4.37
CA TYR A 71 8.34 -0.59 -3.23
C TYR A 71 7.21 -0.68 -2.23
N GLY A 72 7.33 -1.63 -1.29
CA GLY A 72 6.28 -1.76 -0.25
C GLY A 72 6.78 -1.07 0.99
N PHE A 73 6.20 0.10 1.28
CA PHE A 73 6.57 0.92 2.42
C PHE A 73 5.72 0.60 3.63
N GLY A 74 6.38 0.26 4.73
CA GLY A 74 5.67 0.31 6.01
C GLY A 74 5.39 1.79 6.34
N VAL A 75 4.24 2.03 6.93
CA VAL A 75 3.91 3.39 7.36
C VAL A 75 4.01 3.44 8.88
N PHE A 76 4.99 4.22 9.37
CA PHE A 76 5.24 4.33 10.80
C PHE A 76 4.91 5.73 11.33
N GLU A 77 4.24 5.76 12.48
CA GLU A 77 3.94 7.00 13.16
C GLU A 77 5.27 7.51 13.71
N ARG A 78 5.59 8.76 13.41
CA ARG A 78 6.94 9.24 13.61
C ARG A 78 7.25 9.31 15.11
N GLN A 79 6.28 9.75 15.90
CA GLN A 79 6.56 9.96 17.33
C GLN A 79 6.74 8.60 18.05
N THR A 80 5.80 7.69 17.84
CA THR A 80 5.77 6.43 18.57
C THR A 80 6.52 5.29 17.88
N GLN A 81 6.81 5.47 16.58
CA GLN A 81 7.34 4.40 15.71
C GLN A 81 6.39 3.18 15.58
N THR A 82 5.10 3.37 15.80
CA THR A 82 4.23 2.22 15.60
C THR A 82 3.85 2.09 14.15
N LEU A 83 3.79 0.85 13.70
CA LEU A 83 3.39 0.56 12.33
C LEU A 83 1.90 0.67 12.18
N VAL A 84 1.44 1.52 11.26
CA VAL A 84 -0.03 1.75 11.10
C VAL A 84 -0.62 1.16 9.84
N GLY A 85 0.25 0.65 8.96
CA GLY A 85 -0.20 0.14 7.68
C GLY A 85 0.90 0.12 6.65
N VAL A 87 1.77 1.32 2.31
CA VAL A 87 1.42 1.82 0.98
C VAL A 87 2.49 1.28 0.05
N ALA A 88 2.07 0.90 -1.15
CA ALA A 88 3.04 0.27 -2.06
C ALA A 88 2.90 0.68 -3.48
N ILE A 89 4.03 0.74 -4.19
CA ILE A 89 3.99 0.65 -5.65
C ILE A 89 4.12 -0.85 -5.94
N ASN A 90 3.04 -1.43 -6.44
CA ASN A 90 3.02 -2.86 -6.67
C ASN A 90 3.73 -3.25 -7.94
N GLU A 91 3.54 -2.48 -9.02
N GLU A 91 3.62 -2.38 -8.95
CA GLU A 91 4.09 -2.78 -10.36
CA GLU A 91 3.95 -2.64 -10.34
C GLU A 91 4.27 -1.52 -11.17
C GLU A 91 4.35 -1.38 -11.03
N PHE A 92 5.42 -1.40 -11.84
CA PHE A 92 5.64 -0.33 -12.79
C PHE A 92 5.20 -0.81 -14.18
N TYR A 93 4.60 0.05 -14.97
N TYR A 93 4.52 0.08 -14.92
CA TYR A 93 4.29 -0.36 -16.31
CA TYR A 93 4.11 -0.09 -16.34
C TYR A 93 4.95 0.67 -17.20
C TYR A 93 4.99 0.83 -17.17
N HIS A 94 6.25 0.47 -17.41
CA HIS A 94 7.10 1.46 -18.04
C HIS A 94 6.66 1.83 -19.44
N THR A 95 6.10 0.87 -20.18
CA THR A 95 5.61 1.16 -21.51
C THR A 95 4.59 2.29 -21.55
N PHE A 96 3.82 2.42 -20.47
CA PHE A 96 2.77 3.42 -20.41
C PHE A 96 3.02 4.56 -19.41
N ASN A 97 4.24 4.63 -18.87
CA ASN A 97 4.64 5.62 -17.88
C ASN A 97 3.69 5.65 -16.69
N ALA A 99 1.96 3.33 -13.04
CA ALA A 99 2.24 2.28 -12.06
C ALA A 99 0.95 1.89 -11.32
N SER A 100 1.05 0.76 -10.63
CA SER A 100 -0.03 0.16 -9.81
C SER A 100 0.24 0.38 -8.35
N LEU A 101 -0.75 0.94 -7.63
CA LEU A 101 -0.55 1.17 -6.19
C LEU A 101 -1.48 0.28 -5.37
N GLY A 102 -1.03 -0.03 -4.16
CA GLY A 102 -1.86 -0.74 -3.22
C GLY A 102 -1.59 -0.18 -1.85
N TYR A 103 -2.43 -0.51 -0.89
CA TYR A 103 -2.26 -0.02 0.46
C TYR A 103 -3.20 -0.75 1.42
N TRP A 104 -2.89 -0.67 2.70
CA TRP A 104 -3.84 -1.12 3.71
C TRP A 104 -3.51 -0.35 4.97
N ILE A 105 -4.53 0.18 5.63
CA ILE A 105 -4.28 1.01 6.79
C ILE A 105 -5.24 0.54 7.88
N GLY A 106 -4.71 0.42 9.09
CA GLY A 106 -5.50 -0.03 10.22
C GLY A 106 -6.62 0.96 10.49
N ASP A 107 -7.78 0.39 10.77
CA ASP A 107 -9.04 1.02 11.06
C ASP A 107 -8.88 2.30 11.96
N ARG A 108 -8.15 2.18 13.07
CA ARG A 108 -8.01 3.27 14.06
C ARG A 108 -7.18 4.45 13.52
N TYR A 109 -6.35 4.18 12.52
CA TYR A 109 -5.40 5.17 11.96
C TYR A 109 -5.99 5.95 10.78
N GLN A 110 -6.88 5.29 10.05
CA GLN A 110 -7.72 5.97 9.05
C GLN A 110 -8.51 7.14 9.69
N ARG A 111 -9.08 6.87 10.84
CA ARG A 111 -9.77 7.91 11.60
C ARG A 111 -8.89 9.18 11.83
N GLN A 112 -7.58 9.01 11.96
CA GLN A 112 -6.67 10.15 12.15
C GLN A 112 -6.12 10.80 10.85
N GLY A 113 -6.56 10.30 9.70
CA GLY A 113 -6.12 10.82 8.42
C GLY A 113 -4.75 10.30 8.01
N TYR A 114 -4.24 9.26 8.68
CA TYR A 114 -2.95 8.65 8.30
C TYR A 114 -2.99 8.02 6.91
N GLY A 115 -4.13 7.43 6.56
CA GLY A 115 -4.22 6.80 5.23
C GLY A 115 -4.09 7.81 4.10
N LYS A 116 -4.75 8.95 4.28
CA LYS A 116 -4.69 10.02 3.27
C LYS A 116 -3.26 10.62 3.26
N GLU A 117 -2.66 10.80 4.42
CA GLU A 117 -1.33 11.38 4.48
C GLU A 117 -0.29 10.44 3.82
N ALA A 118 -0.32 9.15 4.15
CA ALA A 118 0.62 8.19 3.60
C ALA A 118 0.42 7.98 2.08
N LEU A 119 -0.83 7.79 1.67
CA LEU A 119 -1.08 7.49 0.26
C LEU A 119 -0.80 8.73 -0.61
N THR A 120 -1.15 9.92 -0.09
CA THR A 120 -0.85 11.13 -0.84
C THR A 120 0.67 11.32 -1.00
N ALA A 121 1.43 10.98 0.06
CA ALA A 121 2.92 11.07 -0.02
C ALA A 121 3.43 10.19 -1.16
N LEU A 122 2.83 9.00 -1.26
CA LEU A 122 3.31 8.06 -2.28
C LEU A 122 2.92 8.56 -3.68
N ILE A 123 1.71 9.05 -3.81
CA ILE A 123 1.24 9.58 -5.09
C ILE A 123 2.13 10.76 -5.56
N LEU A 124 2.41 11.67 -4.65
CA LEU A 124 3.29 12.80 -4.99
C LEU A 124 4.69 12.36 -5.38
N PHE A 125 5.22 11.36 -4.68
CA PHE A 125 6.51 10.79 -5.06
C PHE A 125 6.46 10.27 -6.49
N CYS A 126 5.39 9.53 -6.81
CA CYS A 126 5.25 8.96 -8.17
C CYS A 126 5.17 10.05 -9.26
N PHE A 127 4.42 11.13 -8.98
CA PHE A 127 4.19 12.17 -10.02
C PHE A 127 5.37 13.18 -10.09
N GLU A 128 5.80 13.65 -8.93
N GLU A 128 5.85 13.61 -8.94
CA GLU A 128 6.86 14.67 -8.86
CA GLU A 128 6.84 14.70 -8.88
C GLU A 128 8.22 14.09 -9.16
C GLU A 128 8.31 14.25 -8.91
N ARG A 129 8.58 13.03 -8.45
CA ARG A 129 9.91 12.47 -8.48
C ARG A 129 10.08 11.48 -9.62
N LEU A 130 9.15 10.51 -9.72
CA LEU A 130 9.27 9.46 -10.78
C LEU A 130 8.74 9.93 -12.12
N GLU A 131 8.01 11.04 -12.13
CA GLU A 131 7.43 11.66 -13.33
C GLU A 131 6.47 10.74 -14.10
N LEU A 132 5.75 9.88 -13.36
CA LEU A 132 4.74 9.00 -13.92
C LEU A 132 3.55 9.89 -14.29
N THR A 133 2.79 9.49 -15.29
CA THR A 133 1.66 10.30 -15.74
C THR A 133 0.29 9.66 -15.50
N ARG A 134 0.28 8.49 -14.87
CA ARG A 134 -0.95 7.83 -14.47
C ARG A 134 -0.66 6.78 -13.39
N LEU A 135 -1.54 6.69 -12.40
CA LEU A 135 -1.45 5.60 -11.41
C LEU A 135 -2.81 4.90 -11.37
N GLU A 136 -2.79 3.58 -11.25
CA GLU A 136 -4.01 2.79 -11.00
C GLU A 136 -4.02 2.19 -9.56
N ILE A 137 -5.16 2.28 -8.90
CA ILE A 137 -5.49 1.56 -7.66
C ILE A 137 -6.55 0.53 -7.96
N VAL A 138 -6.39 -0.73 -7.51
CA VAL A 138 -7.43 -1.76 -7.71
C VAL A 138 -7.97 -2.12 -6.33
N CYS A 139 -9.27 -1.94 -6.11
CA CYS A 139 -9.84 -2.28 -4.82
C CYS A 139 -10.72 -3.49 -4.94
N ASP A 140 -10.75 -4.32 -3.90
CA ASP A 140 -11.72 -5.40 -3.83
C ASP A 140 -13.09 -4.73 -3.77
N PRO A 141 -14.06 -5.14 -4.63
CA PRO A 141 -15.38 -4.48 -4.56
C PRO A 141 -16.05 -4.54 -3.18
N GLU A 142 -15.63 -5.48 -2.35
CA GLU A 142 -16.28 -5.65 -1.02
C GLU A 142 -15.59 -4.87 0.08
N ASN A 143 -14.49 -4.20 -0.25
CA ASN A 143 -13.72 -3.43 0.71
C ASN A 143 -14.02 -1.94 0.52
N VAL A 144 -15.13 -1.51 1.07
CA VAL A 144 -15.57 -0.13 0.88
C VAL A 144 -14.61 0.92 1.49
N PRO A 145 -14.09 0.71 2.71
CA PRO A 145 -13.13 1.68 3.25
C PRO A 145 -11.92 1.94 2.32
N SER A 146 -11.48 0.91 1.58
N SER A 146 -11.46 0.88 1.66
CA SER A 146 -10.30 1.07 0.70
CA SER A 146 -10.34 1.03 0.75
C SER A 146 -10.69 1.95 -0.51
C SER A 146 -10.75 2.00 -0.37
N GLN A 147 -11.92 1.76 -0.96
CA GLN A 147 -12.44 2.59 -2.05
C GLN A 147 -12.57 4.05 -1.58
N ALA A 148 -13.14 4.22 -0.39
CA ALA A 148 -13.40 5.56 0.18
C ALA A 148 -12.04 6.31 0.30
N LEU A 149 -10.98 5.59 0.68
CA LEU A 149 -9.64 6.19 0.83
C LEU A 149 -9.12 6.62 -0.57
N ALA A 150 -9.31 5.77 -1.57
CA ALA A 150 -8.87 6.11 -2.92
C ALA A 150 -9.54 7.43 -3.33
N LEU A 151 -10.86 7.51 -3.12
CA LEU A 151 -11.59 8.72 -3.48
C LEU A 151 -11.12 9.94 -2.67
N ARG A 152 -10.83 9.72 -1.39
CA ARG A 152 -10.38 10.79 -0.50
C ARG A 152 -9.05 11.39 -1.02
N CYS A 153 -8.21 10.55 -1.63
CA CYS A 153 -6.92 11.01 -2.22
C CYS A 153 -7.04 11.55 -3.64
N GLY A 154 -8.27 11.67 -4.15
CA GLY A 154 -8.55 12.34 -5.43
C GLY A 154 -8.60 11.38 -6.61
N ALA A 155 -8.74 10.10 -6.33
CA ALA A 155 -8.78 9.12 -7.42
C ALA A 155 -10.13 9.16 -8.07
N ASN A 156 -10.15 8.74 -9.34
CA ASN A 156 -11.41 8.67 -10.06
C ASN A 156 -11.77 7.22 -10.33
N ARG A 157 -12.98 6.83 -10.01
CA ARG A 157 -13.38 5.46 -10.29
C ARG A 157 -13.57 5.25 -11.77
N GLU A 158 -13.04 4.14 -12.26
N GLU A 158 -13.07 4.13 -12.32
CA GLU A 158 -13.32 3.70 -13.60
CA GLU A 158 -13.12 3.93 -13.79
C GLU A 158 -14.06 2.38 -13.47
C GLU A 158 -13.90 2.71 -14.30
N GLN A 159 -13.45 1.33 -13.95
N GLN A 159 -13.77 1.56 -13.65
CA GLN A 159 -14.17 0.13 -14.22
CA GLN A 159 -14.46 0.32 -14.09
C GLN A 159 -14.28 -0.86 -13.06
C GLN A 159 -14.30 -0.82 -13.11
N LEU A 160 -15.30 -1.69 -13.11
CA LEU A 160 -15.29 -2.93 -12.40
C LEU A 160 -14.72 -3.93 -13.44
N ALA A 161 -13.54 -4.43 -13.18
CA ALA A 161 -12.78 -5.22 -14.17
C ALA A 161 -12.65 -6.68 -13.74
N PRO A 162 -13.15 -7.62 -14.55
CA PRO A 162 -12.97 -9.04 -14.19
C PRO A 162 -11.50 -9.48 -14.20
N ASN A 163 -11.18 -10.44 -13.31
CA ASN A 163 -9.83 -10.99 -13.18
C ASN A 163 -8.74 -9.93 -13.03
N ARG A 164 -9.06 -8.82 -12.36
CA ARG A 164 -8.11 -7.73 -12.31
C ARG A 164 -6.96 -7.85 -11.27
N PHE A 165 -7.14 -8.66 -10.22
CA PHE A 165 -6.03 -8.83 -9.26
C PHE A 165 -6.02 -10.25 -8.71
N LEU A 166 -4.91 -10.64 -8.07
CA LEU A 166 -4.83 -11.97 -7.45
C LEU A 166 -5.03 -11.90 -5.93
N TYR A 167 -5.87 -12.80 -5.41
CA TYR A 167 -5.90 -13.11 -3.97
C TYR A 167 -5.74 -14.60 -3.74
N ALA A 168 -4.65 -14.98 -3.04
CA ALA A 168 -4.33 -16.38 -2.75
C ALA A 168 -4.05 -17.16 -4.05
N GLY A 169 -3.30 -16.52 -4.96
CA GLY A 169 -3.03 -17.05 -6.29
C GLY A 169 -4.20 -17.23 -7.26
N GLU A 170 -5.41 -16.79 -6.90
CA GLU A 170 -6.60 -16.85 -7.78
C GLU A 170 -7.12 -15.46 -8.20
N PRO A 171 -7.68 -15.32 -9.42
CA PRO A 171 -8.10 -13.97 -9.87
C PRO A 171 -9.53 -13.55 -9.46
N LYS A 172 -9.72 -12.24 -9.23
CA LYS A 172 -10.99 -11.69 -8.74
C LYS A 172 -11.29 -10.38 -9.46
N ALA A 173 -12.57 -10.04 -9.62
CA ALA A 173 -13.01 -8.74 -10.21
C ALA A 173 -12.62 -7.63 -9.24
N GLY A 174 -11.94 -6.60 -9.77
CA GLY A 174 -11.54 -5.42 -8.94
C GLY A 174 -11.98 -4.12 -9.55
N ILE A 175 -12.21 -3.13 -8.68
CA ILE A 175 -12.55 -1.80 -9.14
C ILE A 175 -11.26 -1.02 -9.37
N VAL A 176 -11.13 -0.49 -10.58
CA VAL A 176 -9.98 0.31 -10.96
C VAL A 176 -10.26 1.79 -10.72
N PHE A 177 -9.39 2.43 -9.94
CA PHE A 177 -9.40 3.88 -9.80
C PHE A 177 -8.12 4.41 -10.46
N SER A 178 -8.18 5.64 -10.98
CA SER A 178 -7.00 6.27 -11.54
C SER A 178 -6.69 7.62 -10.90
N LEU A 179 -5.41 7.97 -10.99
CA LEU A 179 -4.96 9.32 -10.66
C LEU A 179 -4.08 9.78 -11.82
N ILE A 180 -4.26 11.05 -12.22
CA ILE A 180 -3.36 11.68 -13.16
C ILE A 180 -2.85 13.00 -12.59
N PRO A 181 -1.68 13.45 -13.04
CA PRO A 181 -1.18 14.68 -12.40
C PRO A 181 -2.06 15.92 -12.64
#